data_9NZ1
#
_entry.id   9NZ1
#
_cell.length_a   78.525
_cell.length_b   90.634
_cell.length_c   98.992
_cell.angle_alpha   90.000
_cell.angle_beta   90.000
_cell.angle_gamma   90.000
#
_symmetry.space_group_name_H-M   'P 21 21 21'
#
loop_
_entity.id
_entity.type
_entity.pdbx_description
1 polymer 'Importin subunit alpha-1'
2 polymer 'Capsid protein'
3 water water
#
loop_
_entity_poly.entity_id
_entity_poly.type
_entity_poly.pdbx_seq_one_letter_code
_entity_poly.pdbx_strand_id
1 'polypeptide(L)'
;MHHHHHHSSGLVPRGSGMLETAAALFERNHMDSPDLGTDDDDLAMADIGSNQGTVNWSVEDIVKGINSNNLESQLQATQA
ARKLLSREKQPPIDNIIRAGLIPKFVSFLGKTDCSPIQFESAWALTNIASGTSEQTKAVVDGGAIPAFISLLASPHAHIS
EQAVWALGNIAGDGSAFRDLVIKHGAIDPLLALLAVPDLSTLACGYLRNLTWTLSNLCRNKNPAPPLDAVEQILPTLVRL
LHHNDPEVLADSCWAISYLTDGPNERIEMVVKKGVVPQLVKLLGATELPIVTPALRAIGNIVTGTDEQTQKVIDAGALAV
FPSLLTNPKTNIQKEATWTMSNITAGRQDQIQQVVNHGLVPFLVGVLSKADFKTQKEAAWAITNYTSGGTVEQIVYLVHC
GIIEPLMNLLSAKDTKIIQVILDAISNIFQAAEKLGETEKLSIMIEECGGLDKIEALQRHENESVYKASLNLIEKYFSVE
EEEDQNVVPETTSEGFAFQVQDGAPGTFNF
;
A
2 'polypeptide(L)' GRAVFQAKKRVLEPLGLVEEGAKTAPGKKRPLESPQEPDSSSGIGKKGKQPARKRLNFEE B
#
# COMPACT_ATOMS: atom_id res chain seq x y z
N GLY A 53 -32.34 5.81 -29.44
CA GLY A 53 -33.42 5.01 -28.89
C GLY A 53 -32.91 3.74 -28.22
N THR A 54 -31.82 3.86 -27.46
CA THR A 54 -31.21 2.74 -26.76
C THR A 54 -31.20 2.94 -25.25
N VAL A 55 -31.96 3.90 -24.73
CA VAL A 55 -31.99 4.22 -23.31
C VAL A 55 -33.20 3.55 -22.68
N ASN A 56 -33.02 3.02 -21.46
CA ASN A 56 -34.11 2.39 -20.71
C ASN A 56 -34.70 1.22 -21.49
N TRP A 57 -33.83 0.32 -21.95
CA TRP A 57 -34.27 -0.92 -22.58
C TRP A 57 -34.47 -1.99 -21.53
N SER A 58 -35.33 -2.95 -21.85
CA SER A 58 -35.53 -4.11 -21.00
C SER A 58 -34.57 -5.22 -21.42
N VAL A 59 -34.18 -6.04 -20.44
CA VAL A 59 -33.30 -7.17 -20.75
C VAL A 59 -33.93 -8.06 -21.79
N GLU A 60 -35.26 -8.12 -21.84
CA GLU A 60 -35.94 -8.94 -22.84
C GLU A 60 -35.69 -8.40 -24.25
N ASP A 61 -35.82 -7.08 -24.43
CA ASP A 61 -35.56 -6.48 -25.73
C ASP A 61 -34.10 -6.63 -26.13
N ILE A 62 -33.18 -6.47 -25.17
CA ILE A 62 -31.76 -6.64 -25.46
C ILE A 62 -31.49 -8.07 -25.92
N VAL A 63 -32.06 -9.05 -25.22
CA VAL A 63 -31.87 -10.44 -25.61
C VAL A 63 -32.41 -10.68 -27.00
N LYS A 64 -33.61 -10.16 -27.29
CA LYS A 64 -34.20 -10.37 -28.61
C LYS A 64 -33.36 -9.74 -29.70
N GLY A 65 -32.79 -8.56 -29.42
CA GLY A 65 -31.98 -7.89 -30.42
C GLY A 65 -30.65 -8.59 -30.67
N ILE A 66 -30.03 -9.10 -29.60
CA ILE A 66 -28.74 -9.78 -29.77
C ILE A 66 -28.94 -11.14 -30.40
N ASN A 67 -30.06 -11.82 -30.11
CA ASN A 67 -30.32 -13.12 -30.69
C ASN A 67 -30.73 -13.06 -32.15
N SER A 68 -30.93 -11.87 -32.71
CA SER A 68 -31.24 -11.75 -34.12
C SER A 68 -29.96 -11.92 -34.95
N ASN A 69 -30.14 -12.24 -36.23
CA ASN A 69 -29.04 -12.39 -37.17
C ASN A 69 -28.73 -11.10 -37.91
N ASN A 70 -29.01 -9.95 -37.32
CA ASN A 70 -28.77 -8.64 -37.92
C ASN A 70 -27.69 -7.94 -37.10
N LEU A 71 -26.54 -7.73 -37.73
CA LEU A 71 -25.41 -7.13 -37.00
C LEU A 71 -25.77 -5.78 -36.40
N GLU A 72 -26.59 -4.99 -37.11
CA GLU A 72 -26.96 -3.68 -36.60
C GLU A 72 -27.94 -3.79 -35.44
N SER A 73 -28.90 -4.71 -35.54
CA SER A 73 -29.77 -4.97 -34.39
C SER A 73 -28.95 -5.40 -33.18
N GLN A 74 -27.99 -6.30 -33.39
CA GLN A 74 -27.11 -6.72 -32.31
C GLN A 74 -26.33 -5.53 -31.75
N LEU A 75 -25.88 -4.64 -32.62
CA LEU A 75 -25.11 -3.49 -32.16
C LEU A 75 -25.95 -2.56 -31.30
N GLN A 76 -27.19 -2.28 -31.73
CA GLN A 76 -28.04 -1.41 -30.93
C GLN A 76 -28.42 -2.07 -29.62
N ALA A 77 -28.62 -3.39 -29.62
CA ALA A 77 -28.92 -4.10 -28.38
C ALA A 77 -27.73 -4.06 -27.43
N THR A 78 -26.51 -4.23 -27.95
CA THR A 78 -25.33 -4.18 -27.10
C THR A 78 -25.11 -2.77 -26.56
N GLN A 79 -25.41 -1.75 -27.36
CA GLN A 79 -25.32 -0.38 -26.86
C GLN A 79 -26.33 -0.13 -25.75
N ALA A 80 -27.55 -0.63 -25.92
CA ALA A 80 -28.55 -0.50 -24.86
C ALA A 80 -28.09 -1.22 -23.59
N ALA A 81 -27.48 -2.40 -23.75
CA ALA A 81 -26.97 -3.13 -22.59
C ALA A 81 -25.86 -2.33 -21.91
N ARG A 82 -24.96 -1.74 -22.70
CA ARG A 82 -23.89 -0.93 -22.13
C ARG A 82 -24.46 0.25 -21.34
N LYS A 83 -25.45 0.94 -21.92
CA LYS A 83 -26.04 2.07 -21.22
C LYS A 83 -26.74 1.63 -19.95
N LEU A 84 -27.36 0.46 -19.97
CA LEU A 84 -27.96 -0.08 -18.74
C LEU A 84 -26.89 -0.36 -17.70
N LEU A 85 -25.72 -0.86 -18.14
CA LEU A 85 -24.63 -1.17 -17.23
C LEU A 85 -23.77 0.04 -16.87
N SER A 86 -23.92 1.16 -17.58
CA SER A 86 -23.13 2.35 -17.33
C SER A 86 -23.86 3.35 -16.44
N ARG A 87 -24.99 2.96 -15.86
CA ARG A 87 -25.71 3.84 -14.94
C ARG A 87 -25.07 3.77 -13.55
N GLU A 88 -25.31 4.82 -12.77
CA GLU A 88 -24.73 4.93 -11.44
C GLU A 88 -25.59 4.29 -10.35
N LYS A 89 -26.85 3.96 -10.66
CA LYS A 89 -27.77 3.40 -9.68
C LYS A 89 -27.74 1.87 -9.73
N GLN A 90 -26.65 1.32 -9.19
CA GLN A 90 -26.48 -0.13 -9.06
C GLN A 90 -26.84 -0.83 -10.36
N PRO A 91 -25.89 -1.00 -11.28
CA PRO A 91 -26.23 -1.61 -12.56
C PRO A 91 -26.83 -2.99 -12.36
N PRO A 92 -27.68 -3.44 -13.30
CA PRO A 92 -28.30 -4.78 -13.19
C PRO A 92 -27.40 -5.87 -13.74
N ILE A 93 -26.23 -6.05 -13.12
CA ILE A 93 -25.25 -7.00 -13.64
C ILE A 93 -25.78 -8.43 -13.56
N ASP A 94 -26.39 -8.78 -12.43
CA ASP A 94 -26.91 -10.15 -12.26
C ASP A 94 -27.97 -10.46 -13.30
N ASN A 95 -28.82 -9.50 -13.62
CA ASN A 95 -29.86 -9.73 -14.63
C ASN A 95 -29.25 -9.96 -16.00
N ILE A 96 -28.21 -9.19 -16.35
CA ILE A 96 -27.55 -9.38 -17.64
C ILE A 96 -26.85 -10.74 -17.69
N ILE A 97 -26.24 -11.15 -16.59
CA ILE A 97 -25.54 -12.43 -16.57
C ILE A 97 -26.54 -13.58 -16.70
N ARG A 98 -27.63 -13.53 -15.93
CA ARG A 98 -28.60 -14.61 -15.96
C ARG A 98 -29.27 -14.74 -17.32
N ALA A 99 -29.24 -13.70 -18.15
CA ALA A 99 -29.80 -13.77 -19.49
C ALA A 99 -28.88 -14.47 -20.48
N GLY A 100 -27.65 -14.78 -20.08
CA GLY A 100 -26.72 -15.47 -20.97
C GLY A 100 -26.11 -14.60 -22.04
N LEU A 101 -25.90 -13.32 -21.75
CA LEU A 101 -25.40 -12.38 -22.74
C LEU A 101 -23.88 -12.27 -22.78
N ILE A 102 -23.18 -12.78 -21.76
CA ILE A 102 -21.72 -12.67 -21.74
C ILE A 102 -21.08 -13.38 -22.92
N PRO A 103 -21.46 -14.61 -23.27
CA PRO A 103 -20.85 -15.24 -24.45
C PRO A 103 -21.05 -14.44 -25.73
N LYS A 104 -22.22 -13.82 -25.90
CA LYS A 104 -22.46 -13.02 -27.10
C LYS A 104 -21.57 -11.79 -27.11
N PHE A 105 -21.37 -11.14 -25.96
CA PHE A 105 -20.44 -10.02 -25.89
C PHE A 105 -19.02 -10.46 -26.20
N VAL A 106 -18.61 -11.62 -25.67
CA VAL A 106 -17.26 -12.12 -25.94
C VAL A 106 -17.09 -12.38 -27.43
N SER A 107 -18.14 -12.89 -28.09
CA SER A 107 -18.05 -13.12 -29.54
C SER A 107 -17.99 -11.79 -30.29
N PHE A 108 -18.78 -10.81 -29.85
CA PHE A 108 -18.75 -9.50 -30.49
C PHE A 108 -17.38 -8.85 -30.35
N LEU A 109 -16.65 -9.17 -29.28
CA LEU A 109 -15.31 -8.62 -29.11
C LEU A 109 -14.39 -8.94 -30.29
N GLY A 110 -14.73 -9.96 -31.10
CA GLY A 110 -13.88 -10.38 -32.19
C GLY A 110 -14.35 -10.00 -33.58
N LYS A 111 -15.34 -9.11 -33.71
CA LYS A 111 -15.85 -8.70 -35.02
C LYS A 111 -15.08 -7.46 -35.46
N THR A 112 -13.91 -7.70 -36.05
CA THR A 112 -13.03 -6.60 -36.44
C THR A 112 -13.71 -5.65 -37.42
N ASP A 113 -14.54 -6.18 -38.32
CA ASP A 113 -15.18 -5.33 -39.31
C ASP A 113 -16.13 -4.32 -38.69
N CYS A 114 -16.64 -4.59 -37.50
CA CYS A 114 -17.58 -3.71 -36.80
C CYS A 114 -16.93 -3.29 -35.48
N SER A 115 -16.15 -2.22 -35.53
CA SER A 115 -15.46 -1.72 -34.35
C SER A 115 -16.45 -1.14 -33.32
N PRO A 116 -17.58 -0.57 -33.74
CA PRO A 116 -18.53 -0.07 -32.73
C PRO A 116 -19.04 -1.16 -31.80
N ILE A 117 -19.39 -2.32 -32.33
CA ILE A 117 -19.89 -3.39 -31.47
C ILE A 117 -18.77 -3.94 -30.60
N GLN A 118 -17.54 -3.96 -31.12
CA GLN A 118 -16.41 -4.30 -30.27
C GLN A 118 -16.30 -3.37 -29.08
N PHE A 119 -16.37 -2.06 -29.33
CA PHE A 119 -16.27 -1.09 -28.24
C PHE A 119 -17.42 -1.26 -27.24
N GLU A 120 -18.65 -1.43 -27.74
CA GLU A 120 -19.79 -1.56 -26.86
C GLU A 120 -19.69 -2.82 -26.00
N SER A 121 -19.33 -3.95 -26.61
CA SER A 121 -19.22 -5.18 -25.85
C SER A 121 -18.08 -5.10 -24.85
N ALA A 122 -16.97 -4.45 -25.22
CA ALA A 122 -15.87 -4.28 -24.28
C ALA A 122 -16.30 -3.45 -23.09
N TRP A 123 -17.02 -2.35 -23.34
CA TRP A 123 -17.52 -1.53 -22.25
C TRP A 123 -18.44 -2.33 -21.33
N ALA A 124 -19.37 -3.09 -21.93
CA ALA A 124 -20.31 -3.87 -21.14
C ALA A 124 -19.59 -4.90 -20.27
N LEU A 125 -18.65 -5.65 -20.88
CA LEU A 125 -17.92 -6.66 -20.12
C LEU A 125 -17.03 -6.04 -19.07
N THR A 126 -16.47 -4.86 -19.33
CA THR A 126 -15.69 -4.15 -18.32
C THR A 126 -16.55 -3.83 -17.12
N ASN A 127 -17.76 -3.32 -17.37
CA ASN A 127 -18.64 -2.99 -16.26
C ASN A 127 -19.12 -4.24 -15.53
N ILE A 128 -19.26 -5.37 -16.24
CA ILE A 128 -19.65 -6.60 -15.57
C ILE A 128 -18.50 -7.13 -14.71
N ALA A 129 -17.27 -7.06 -15.22
CA ALA A 129 -16.12 -7.54 -14.48
C ALA A 129 -15.73 -6.61 -13.33
N SER A 130 -16.39 -5.46 -13.20
CA SER A 130 -16.08 -4.52 -12.12
C SER A 130 -16.80 -4.87 -10.82
N GLY A 131 -17.71 -5.84 -10.84
CA GLY A 131 -18.51 -6.15 -9.66
C GLY A 131 -17.88 -7.17 -8.74
N THR A 132 -18.69 -8.11 -8.25
CA THR A 132 -18.22 -9.11 -7.30
C THR A 132 -17.27 -10.09 -7.99
N SER A 133 -16.62 -10.92 -7.17
CA SER A 133 -15.74 -11.94 -7.71
C SER A 133 -16.49 -12.92 -8.59
N GLU A 134 -17.76 -13.20 -8.29
CA GLU A 134 -18.52 -14.15 -9.10
C GLU A 134 -18.84 -13.59 -10.48
N GLN A 135 -19.09 -12.28 -10.56
CA GLN A 135 -19.38 -11.66 -11.85
C GLN A 135 -18.12 -11.57 -12.71
N THR A 136 -16.98 -11.22 -12.10
CA THR A 136 -15.71 -11.26 -12.83
C THR A 136 -15.39 -12.69 -13.27
N LYS A 137 -15.73 -13.68 -12.43
CA LYS A 137 -15.52 -15.07 -12.81
C LYS A 137 -16.41 -15.45 -14.00
N ALA A 138 -17.64 -14.93 -14.03
CA ALA A 138 -18.50 -15.19 -15.19
C ALA A 138 -17.92 -14.58 -16.45
N VAL A 139 -17.36 -13.37 -16.33
CA VAL A 139 -16.71 -12.74 -17.48
C VAL A 139 -15.53 -13.58 -17.96
N VAL A 140 -14.71 -14.05 -17.02
CA VAL A 140 -13.52 -14.83 -17.39
C VAL A 140 -13.93 -16.16 -18.01
N ASP A 141 -14.97 -16.79 -17.48
CA ASP A 141 -15.43 -18.08 -17.99
C ASP A 141 -16.00 -17.95 -19.40
N GLY A 142 -16.40 -16.75 -19.82
CA GLY A 142 -16.82 -16.54 -21.19
C GLY A 142 -15.68 -16.53 -22.19
N GLY A 143 -14.43 -16.53 -21.72
CA GLY A 143 -13.30 -16.47 -22.61
C GLY A 143 -12.88 -15.05 -22.96
N ALA A 144 -13.05 -14.11 -22.04
CA ALA A 144 -12.82 -12.71 -22.32
C ALA A 144 -11.36 -12.30 -22.25
N ILE A 145 -10.55 -13.03 -21.49
CA ILE A 145 -9.14 -12.65 -21.29
C ILE A 145 -8.42 -12.64 -22.63
N PRO A 146 -8.42 -13.73 -23.40
CA PRO A 146 -7.72 -13.69 -24.70
C PRO A 146 -8.31 -12.69 -25.67
N ALA A 147 -9.62 -12.50 -25.65
CA ALA A 147 -10.23 -11.53 -26.57
C ALA A 147 -9.76 -10.11 -26.26
N PHE A 148 -9.73 -9.75 -24.98
CA PHE A 148 -9.24 -8.42 -24.59
C PHE A 148 -7.75 -8.28 -24.89
N ILE A 149 -6.98 -9.35 -24.68
CA ILE A 149 -5.55 -9.26 -24.98
C ILE A 149 -5.34 -9.06 -26.47
N SER A 150 -6.19 -9.67 -27.30
CA SER A 150 -6.09 -9.44 -28.74
C SER A 150 -6.48 -8.01 -29.09
N LEU A 151 -7.54 -7.49 -28.46
CA LEU A 151 -7.95 -6.12 -28.72
C LEU A 151 -6.94 -5.10 -28.22
N LEU A 152 -6.05 -5.48 -27.30
CA LEU A 152 -5.05 -4.53 -26.80
C LEU A 152 -4.28 -3.87 -27.94
N ALA A 153 -4.15 -4.56 -29.08
CA ALA A 153 -3.44 -4.04 -30.24
C ALA A 153 -4.39 -3.47 -31.29
N SER A 154 -5.61 -3.10 -30.90
CA SER A 154 -6.56 -2.55 -31.84
C SER A 154 -6.08 -1.19 -32.36
N PRO A 155 -6.34 -0.86 -33.63
CA PRO A 155 -5.97 0.47 -34.13
C PRO A 155 -6.82 1.59 -33.57
N HIS A 156 -7.94 1.28 -32.93
CA HIS A 156 -8.79 2.29 -32.32
C HIS A 156 -8.38 2.47 -30.86
N ALA A 157 -8.05 3.71 -30.49
CA ALA A 157 -7.54 3.96 -29.14
C ALA A 157 -8.59 3.67 -28.08
N HIS A 158 -9.87 3.99 -28.36
CA HIS A 158 -10.91 3.78 -27.36
C HIS A 158 -11.14 2.30 -27.10
N ILE A 159 -11.07 1.47 -28.14
CA ILE A 159 -11.26 0.03 -27.95
C ILE A 159 -10.09 -0.55 -27.15
N SER A 160 -8.86 -0.14 -27.45
CA SER A 160 -7.71 -0.64 -26.71
C SER A 160 -7.76 -0.18 -25.25
N GLU A 161 -8.20 1.07 -25.02
CA GLU A 161 -8.34 1.55 -23.66
C GLU A 161 -9.38 0.75 -22.89
N GLN A 162 -10.50 0.42 -23.54
CA GLN A 162 -11.51 -0.40 -22.89
C GLN A 162 -10.98 -1.79 -22.59
N ALA A 163 -10.14 -2.33 -23.48
CA ALA A 163 -9.53 -3.63 -23.22
C ALA A 163 -8.57 -3.57 -22.04
N VAL A 164 -7.77 -2.50 -21.96
CA VAL A 164 -6.89 -2.31 -20.82
C VAL A 164 -7.70 -2.25 -19.53
N TRP A 165 -8.81 -1.50 -19.55
CA TRP A 165 -9.65 -1.39 -18.36
C TRP A 165 -10.23 -2.74 -17.97
N ALA A 166 -10.71 -3.52 -18.95
CA ALA A 166 -11.27 -4.82 -18.65
C ALA A 166 -10.23 -5.75 -18.04
N LEU A 167 -9.03 -5.79 -18.63
CA LEU A 167 -7.99 -6.65 -18.09
C LEU A 167 -7.57 -6.20 -16.68
N GLY A 168 -7.56 -4.89 -16.44
CA GLY A 168 -7.26 -4.41 -15.11
C GLY A 168 -8.29 -4.83 -14.09
N ASN A 169 -9.58 -4.70 -14.44
CA ASN A 169 -10.64 -5.16 -13.54
C ASN A 169 -10.53 -6.66 -13.28
N ILE A 170 -10.17 -7.44 -14.30
CA ILE A 170 -10.05 -8.87 -14.12
C ILE A 170 -8.89 -9.20 -13.18
N ALA A 171 -7.73 -8.57 -13.41
CA ALA A 171 -6.57 -8.84 -12.57
C ALA A 171 -6.79 -8.35 -11.15
N GLY A 172 -7.59 -7.31 -10.96
CA GLY A 172 -7.84 -6.78 -9.62
C GLY A 172 -8.67 -7.68 -8.73
N ASP A 173 -9.18 -8.79 -9.26
CA ASP A 173 -9.97 -9.69 -8.44
C ASP A 173 -9.11 -10.41 -7.40
N GLY A 174 -7.91 -10.82 -7.78
CA GLY A 174 -7.05 -11.53 -6.88
C GLY A 174 -5.86 -12.13 -7.61
N SER A 175 -5.06 -12.87 -6.85
CA SER A 175 -3.83 -13.44 -7.40
C SER A 175 -4.12 -14.41 -8.53
N ALA A 176 -5.20 -15.19 -8.42
CA ALA A 176 -5.49 -16.22 -9.40
C ALA A 176 -5.72 -15.62 -10.79
N PHE A 177 -6.70 -14.71 -10.89
CA PHE A 177 -6.98 -14.10 -12.19
C PHE A 177 -5.82 -13.22 -12.65
N ARG A 178 -5.09 -12.60 -11.73
CA ARG A 178 -3.91 -11.83 -12.10
C ARG A 178 -2.91 -12.73 -12.83
N ASP A 179 -2.54 -13.85 -12.20
CA ASP A 179 -1.58 -14.76 -12.81
C ASP A 179 -2.14 -15.39 -14.08
N LEU A 180 -3.46 -15.58 -14.16
CA LEU A 180 -4.03 -16.12 -15.39
C LEU A 180 -3.90 -15.12 -16.53
N VAL A 181 -4.20 -13.84 -16.27
CA VAL A 181 -4.03 -12.81 -17.28
C VAL A 181 -2.57 -12.74 -17.70
N ILE A 182 -1.65 -12.86 -16.75
CA ILE A 182 -0.23 -12.83 -17.10
C ILE A 182 0.14 -14.03 -17.97
N LYS A 183 -0.41 -15.21 -17.65
CA LYS A 183 -0.14 -16.41 -18.45
C LYS A 183 -0.64 -16.24 -19.88
N HIS A 184 -1.82 -15.63 -20.05
CA HIS A 184 -2.35 -15.43 -21.39
C HIS A 184 -1.50 -14.47 -22.22
N GLY A 185 -0.57 -13.74 -21.60
CA GLY A 185 0.36 -12.91 -22.34
C GLY A 185 -0.08 -11.48 -22.53
N ALA A 186 -0.50 -10.82 -21.45
CA ALA A 186 -0.96 -9.43 -21.53
C ALA A 186 0.15 -8.43 -21.25
N ILE A 187 1.21 -8.84 -20.56
CA ILE A 187 2.25 -7.89 -20.17
C ILE A 187 2.95 -7.33 -21.40
N ASP A 188 3.22 -8.18 -22.41
CA ASP A 188 3.95 -7.69 -23.58
C ASP A 188 3.14 -6.66 -24.34
N PRO A 189 1.87 -6.88 -24.68
CA PRO A 189 1.09 -5.82 -25.33
C PRO A 189 0.91 -4.59 -24.46
N LEU A 190 0.65 -4.79 -23.17
CA LEU A 190 0.46 -3.63 -22.29
C LEU A 190 1.71 -2.75 -22.27
N LEU A 191 2.90 -3.36 -22.21
CA LEU A 191 4.12 -2.58 -22.19
C LEU A 191 4.45 -2.01 -23.56
N ALA A 192 4.07 -2.70 -24.64
CA ALA A 192 4.26 -2.15 -25.97
C ALA A 192 3.42 -0.90 -26.17
N LEU A 193 2.24 -0.85 -25.54
CA LEU A 193 1.42 0.36 -25.60
C LEU A 193 2.13 1.56 -24.96
N LEU A 194 3.09 1.33 -24.07
CA LEU A 194 3.78 2.40 -23.37
C LEU A 194 5.20 2.62 -23.90
N ALA A 195 5.60 1.90 -24.95
CA ALA A 195 6.96 1.99 -25.49
C ALA A 195 7.03 3.20 -26.42
N VAL A 196 7.15 4.38 -25.82
CA VAL A 196 7.26 5.63 -26.57
C VAL A 196 8.41 6.45 -26.02
N PRO A 197 9.02 7.34 -26.81
CA PRO A 197 10.12 8.15 -26.28
C PRO A 197 9.73 9.01 -25.09
N ASP A 198 8.61 9.74 -25.20
CA ASP A 198 8.13 10.61 -24.14
C ASP A 198 6.69 10.21 -23.82
N LEU A 199 6.43 9.89 -22.56
CA LEU A 199 5.09 9.50 -22.14
C LEU A 199 4.09 10.64 -22.29
N SER A 200 4.57 11.89 -22.33
CA SER A 200 3.68 13.03 -22.43
C SER A 200 2.93 13.11 -23.76
N THR A 201 3.35 12.35 -24.77
CA THR A 201 2.64 12.32 -26.04
C THR A 201 1.39 11.45 -25.99
N LEU A 202 1.17 10.72 -24.90
CA LEU A 202 0.00 9.88 -24.75
C LEU A 202 -1.12 10.65 -24.09
N ALA A 203 -2.36 10.24 -24.37
CA ALA A 203 -3.52 10.87 -23.75
C ALA A 203 -3.52 10.62 -22.25
N CYS A 204 -3.94 11.63 -21.50
CA CYS A 204 -3.88 11.54 -20.04
C CYS A 204 -4.69 10.36 -19.52
N GLY A 205 -5.93 10.22 -19.97
CA GLY A 205 -6.77 9.13 -19.48
C GLY A 205 -6.25 7.77 -19.89
N TYR A 206 -5.79 7.64 -21.13
CA TYR A 206 -5.22 6.38 -21.60
C TYR A 206 -4.03 5.97 -20.74
N LEU A 207 -3.12 6.91 -20.48
CA LEU A 207 -1.94 6.62 -19.68
C LEU A 207 -2.32 6.29 -18.24
N ARG A 208 -3.30 7.00 -17.68
CA ARG A 208 -3.75 6.70 -16.33
C ARG A 208 -4.33 5.30 -16.24
N ASN A 209 -5.13 4.90 -17.23
CA ASN A 209 -5.71 3.56 -17.22
C ASN A 209 -4.62 2.50 -17.36
N LEU A 210 -3.65 2.72 -18.24
CA LEU A 210 -2.55 1.78 -18.37
C LEU A 210 -1.78 1.64 -17.07
N THR A 211 -1.48 2.77 -16.42
CA THR A 211 -0.77 2.73 -15.14
C THR A 211 -1.57 1.96 -14.10
N TRP A 212 -2.88 2.20 -14.03
CA TRP A 212 -3.71 1.50 -13.04
C TRP A 212 -3.74 0.00 -13.30
N THR A 213 -3.87 -0.40 -14.57
CA THR A 213 -3.90 -1.83 -14.88
C THR A 213 -2.56 -2.49 -14.54
N LEU A 214 -1.44 -1.82 -14.83
CA LEU A 214 -0.15 -2.37 -14.45
C LEU A 214 -0.05 -2.49 -12.93
N SER A 215 -0.47 -1.46 -12.20
CA SER A 215 -0.40 -1.52 -10.75
C SER A 215 -1.21 -2.68 -10.21
N ASN A 216 -2.38 -2.95 -10.82
CA ASN A 216 -3.15 -4.13 -10.41
C ASN A 216 -2.39 -5.41 -10.74
N LEU A 217 -1.65 -5.42 -11.85
CA LEU A 217 -0.81 -6.57 -12.16
C LEU A 217 0.35 -6.73 -11.17
N CYS A 218 0.68 -5.68 -10.43
CA CYS A 218 1.70 -5.74 -9.38
C CYS A 218 1.11 -5.98 -7.99
N ARG A 219 -0.21 -6.16 -7.89
CA ARG A 219 -0.91 -6.13 -6.61
C ARG A 219 -1.16 -7.55 -6.09
N ASN A 220 -1.59 -7.62 -4.83
CA ASN A 220 -2.01 -8.85 -4.17
C ASN A 220 -0.83 -9.76 -3.86
N LYS A 221 -1.04 -10.69 -2.92
CA LYS A 221 -0.02 -11.61 -2.47
C LYS A 221 -0.64 -12.98 -2.30
N ASN A 222 0.17 -13.93 -1.82
CA ASN A 222 -0.28 -15.30 -1.56
C ASN A 222 -1.00 -15.87 -2.78
N PRO A 223 -0.29 -16.10 -3.89
CA PRO A 223 1.13 -15.82 -4.13
C PRO A 223 1.38 -14.40 -4.64
N ALA A 224 2.63 -13.94 -4.59
CA ALA A 224 2.99 -12.64 -5.14
C ALA A 224 3.13 -12.75 -6.65
N PRO A 225 3.19 -11.62 -7.35
CA PRO A 225 3.32 -11.67 -8.80
C PRO A 225 4.54 -12.46 -9.22
N PRO A 226 4.50 -13.11 -10.38
CA PRO A 226 5.67 -13.89 -10.82
C PRO A 226 6.91 -13.03 -10.94
N LEU A 227 8.06 -13.61 -10.59
CA LEU A 227 9.30 -12.86 -10.58
C LEU A 227 9.66 -12.36 -11.97
N ASP A 228 9.51 -13.21 -12.99
CA ASP A 228 9.77 -12.79 -14.36
C ASP A 228 8.86 -11.62 -14.75
N ALA A 229 7.58 -11.68 -14.36
CA ALA A 229 6.67 -10.60 -14.70
C ALA A 229 7.08 -9.29 -14.04
N VAL A 230 7.52 -9.35 -12.77
CA VAL A 230 7.96 -8.15 -12.08
C VAL A 230 9.20 -7.57 -12.76
N GLU A 231 10.14 -8.45 -13.14
CA GLU A 231 11.33 -7.97 -13.86
C GLU A 231 10.94 -7.32 -15.18
N GLN A 232 9.94 -7.88 -15.86
CA GLN A 232 9.53 -7.33 -17.15
C GLN A 232 8.81 -6.00 -16.99
N ILE A 233 8.11 -5.81 -15.87
CA ILE A 233 7.31 -4.61 -15.68
C ILE A 233 8.10 -3.46 -15.07
N LEU A 234 9.10 -3.76 -14.23
CA LEU A 234 9.73 -2.70 -13.44
C LEU A 234 10.27 -1.55 -14.28
N PRO A 235 10.96 -1.75 -15.41
CA PRO A 235 11.48 -0.58 -16.14
C PRO A 235 10.41 0.43 -16.52
N THR A 236 9.29 -0.04 -17.10
CA THR A 236 8.20 0.87 -17.43
C THR A 236 7.58 1.49 -16.19
N LEU A 237 7.51 0.73 -15.09
CA LEU A 237 6.95 1.28 -13.86
C LEU A 237 7.81 2.42 -13.33
N VAL A 238 9.14 2.26 -13.41
CA VAL A 238 10.04 3.32 -12.96
C VAL A 238 9.95 4.51 -13.89
N ARG A 239 9.80 4.26 -15.19
CA ARG A 239 9.60 5.37 -16.14
C ARG A 239 8.33 6.13 -15.83
N LEU A 240 7.28 5.43 -15.38
CA LEU A 240 6.05 6.10 -14.99
C LEU A 240 6.18 6.81 -13.65
N LEU A 241 7.04 6.30 -12.77
CA LEU A 241 7.22 6.92 -11.46
C LEU A 241 7.85 8.31 -11.55
N HIS A 242 8.46 8.64 -12.69
CA HIS A 242 9.04 9.96 -12.90
C HIS A 242 8.15 10.86 -13.74
N HIS A 243 6.91 10.45 -14.00
CA HIS A 243 6.00 11.27 -14.77
C HIS A 243 5.49 12.45 -13.95
N ASN A 244 4.85 13.39 -14.64
CA ASN A 244 4.37 14.62 -14.00
C ASN A 244 2.90 14.57 -13.60
N ASP A 245 2.15 13.60 -14.09
CA ASP A 245 0.72 13.53 -13.77
C ASP A 245 0.52 12.99 -12.36
N PRO A 246 -0.25 13.66 -11.50
CA PRO A 246 -0.37 13.19 -10.11
C PRO A 246 -1.02 11.83 -9.98
N GLU A 247 -2.00 11.52 -10.82
CA GLU A 247 -2.66 10.21 -10.72
C GLU A 247 -1.73 9.09 -11.16
N VAL A 248 -1.00 9.30 -12.26
CA VAL A 248 -0.02 8.32 -12.70
C VAL A 248 1.03 8.11 -11.61
N LEU A 249 1.50 9.20 -11.01
CA LEU A 249 2.48 9.09 -9.94
C LEU A 249 1.93 8.28 -8.77
N ALA A 250 0.71 8.59 -8.35
CA ALA A 250 0.12 7.87 -7.21
C ALA A 250 -0.01 6.39 -7.52
N ASP A 251 -0.49 6.04 -8.72
CA ASP A 251 -0.70 4.63 -9.04
C ASP A 251 0.62 3.88 -9.18
N SER A 252 1.63 4.50 -9.81
CA SER A 252 2.92 3.85 -9.92
C SER A 252 3.59 3.71 -8.55
N CYS A 253 3.36 4.68 -7.66
CA CYS A 253 3.92 4.59 -6.31
C CYS A 253 3.23 3.49 -5.51
N TRP A 254 1.91 3.32 -5.70
CA TRP A 254 1.23 2.20 -5.07
C TRP A 254 1.75 0.86 -5.62
N ALA A 255 2.02 0.80 -6.92
CA ALA A 255 2.58 -0.42 -7.49
C ALA A 255 3.94 -0.73 -6.87
N ILE A 256 4.78 0.29 -6.73
CA ILE A 256 6.10 0.10 -6.10
C ILE A 256 5.93 -0.37 -4.66
N SER A 257 4.97 0.21 -3.94
CA SER A 257 4.74 -0.22 -2.56
C SER A 257 4.30 -1.68 -2.51
N TYR A 258 3.47 -2.10 -3.48
CA TYR A 258 3.12 -3.51 -3.58
C TYR A 258 4.36 -4.37 -3.77
N LEU A 259 5.20 -4.01 -4.74
CA LEU A 259 6.36 -4.84 -5.06
C LEU A 259 7.38 -4.88 -3.92
N THR A 260 7.38 -3.90 -3.03
CA THR A 260 8.32 -3.87 -1.91
C THR A 260 7.75 -4.52 -0.65
N ASP A 261 6.52 -5.02 -0.70
CA ASP A 261 5.90 -5.70 0.44
C ASP A 261 6.16 -7.19 0.29
N GLY A 262 7.21 -7.68 0.93
CA GLY A 262 7.57 -9.07 0.85
C GLY A 262 9.00 -9.35 1.30
N PRO A 263 9.56 -10.47 0.87
CA PRO A 263 10.94 -10.80 1.23
C PRO A 263 11.91 -9.72 0.76
N ASN A 264 13.09 -9.71 1.38
CA ASN A 264 14.12 -8.74 1.04
C ASN A 264 14.62 -8.91 -0.37
N GLU A 265 14.37 -10.07 -1.01
CA GLU A 265 14.79 -10.25 -2.40
C GLU A 265 14.00 -9.33 -3.33
N ARG A 266 12.69 -9.22 -3.13
CA ARG A 266 11.88 -8.32 -3.94
C ARG A 266 12.23 -6.86 -3.65
N ILE A 267 12.47 -6.54 -2.39
CA ILE A 267 12.89 -5.19 -2.04
C ILE A 267 14.20 -4.84 -2.74
N GLU A 268 15.14 -5.80 -2.77
CA GLU A 268 16.40 -5.58 -3.48
C GLU A 268 16.16 -5.39 -4.98
N MET A 269 15.27 -6.21 -5.54
CA MET A 269 14.91 -6.06 -6.96
C MET A 269 14.45 -4.63 -7.25
N VAL A 270 13.56 -4.10 -6.41
CA VAL A 270 13.02 -2.77 -6.65
C VAL A 270 14.10 -1.70 -6.42
N VAL A 271 14.92 -1.89 -5.39
CA VAL A 271 15.90 -0.87 -5.04
C VAL A 271 17.03 -0.80 -6.07
N LYS A 272 17.32 -1.92 -6.73
CA LYS A 272 18.36 -1.91 -7.75
C LYS A 272 18.02 -0.99 -8.92
N LYS A 273 16.75 -0.63 -9.08
CA LYS A 273 16.33 0.26 -10.16
C LYS A 273 16.57 1.74 -9.85
N GLY A 274 17.04 2.07 -8.65
CA GLY A 274 17.30 3.45 -8.30
C GLY A 274 16.04 4.28 -8.10
N VAL A 275 15.02 3.70 -7.45
CA VAL A 275 13.77 4.42 -7.22
C VAL A 275 13.73 5.10 -5.86
N VAL A 276 14.65 4.78 -4.96
CA VAL A 276 14.61 5.38 -3.62
C VAL A 276 14.70 6.89 -3.67
N PRO A 277 15.59 7.50 -4.47
CA PRO A 277 15.56 8.97 -4.57
C PRO A 277 14.22 9.52 -5.00
N GLN A 278 13.62 8.95 -6.04
CA GLN A 278 12.32 9.43 -6.49
C GLN A 278 11.25 9.22 -5.43
N LEU A 279 11.34 8.09 -4.71
CA LEU A 279 10.38 7.84 -3.63
C LEU A 279 10.50 8.88 -2.53
N VAL A 280 11.72 9.26 -2.17
CA VAL A 280 11.91 10.29 -1.15
C VAL A 280 11.39 11.63 -1.65
N LYS A 281 11.66 11.95 -2.91
CA LYS A 281 11.17 13.21 -3.46
C LYS A 281 9.65 13.27 -3.42
N LEU A 282 8.98 12.16 -3.79
CA LEU A 282 7.53 12.11 -3.69
C LEU A 282 7.05 12.13 -2.25
N LEU A 283 7.90 11.65 -1.32
CA LEU A 283 7.52 11.66 0.09
C LEU A 283 7.31 13.07 0.60
N GLY A 284 8.06 14.03 0.07
CA GLY A 284 7.92 15.43 0.42
C GLY A 284 6.88 16.18 -0.39
N ALA A 285 6.04 15.46 -1.14
CA ALA A 285 5.04 16.12 -1.98
C ALA A 285 3.95 16.76 -1.11
N THR A 286 3.17 17.64 -1.74
CA THR A 286 2.09 18.32 -1.05
C THR A 286 0.77 17.55 -1.13
N GLU A 287 0.58 16.77 -2.19
CA GLU A 287 -0.67 16.02 -2.36
C GLU A 287 -0.62 14.73 -1.54
N LEU A 288 -1.58 14.58 -0.64
CA LEU A 288 -1.66 13.35 0.16
C LEU A 288 -1.75 12.09 -0.68
N PRO A 289 -2.47 12.05 -1.81
CA PRO A 289 -2.52 10.83 -2.61
C PRO A 289 -1.16 10.38 -3.12
N ILE A 290 -0.16 11.26 -3.12
CA ILE A 290 1.18 10.90 -3.59
C ILE A 290 2.06 10.59 -2.38
N VAL A 291 1.83 11.27 -1.27
CA VAL A 291 2.66 11.07 -0.09
C VAL A 291 2.34 9.73 0.56
N THR A 292 1.06 9.35 0.60
CA THR A 292 0.69 8.09 1.24
C THR A 292 1.40 6.89 0.62
N PRO A 293 1.31 6.64 -0.69
CA PRO A 293 2.04 5.50 -1.26
C PRO A 293 3.54 5.62 -1.15
N ALA A 294 4.09 6.83 -1.22
CA ALA A 294 5.53 7.01 -1.06
C ALA A 294 5.97 6.59 0.34
N LEU A 295 5.24 7.02 1.36
CA LEU A 295 5.57 6.62 2.72
C LEU A 295 5.42 5.12 2.90
N ARG A 296 4.37 4.53 2.32
CA ARG A 296 4.21 3.08 2.41
C ARG A 296 5.39 2.35 1.78
N ALA A 297 5.84 2.81 0.61
CA ALA A 297 6.96 2.16 -0.06
C ALA A 297 8.25 2.32 0.74
N ILE A 298 8.50 3.52 1.27
CA ILE A 298 9.69 3.73 2.09
C ILE A 298 9.66 2.81 3.31
N GLY A 299 8.50 2.71 3.96
CA GLY A 299 8.38 1.81 5.10
C GLY A 299 8.66 0.36 4.73
N ASN A 300 8.04 -0.12 3.65
CA ASN A 300 8.30 -1.47 3.19
C ASN A 300 9.79 -1.68 2.92
N ILE A 301 10.45 -0.69 2.33
CA ILE A 301 11.86 -0.84 1.99
C ILE A 301 12.70 -0.94 3.26
N VAL A 302 12.39 -0.13 4.28
CA VAL A 302 13.19 -0.15 5.51
C VAL A 302 12.87 -1.33 6.41
N THR A 303 11.90 -2.16 6.04
CA THR A 303 11.66 -3.41 6.76
C THR A 303 12.61 -4.52 6.31
N GLY A 304 13.55 -4.22 5.43
CA GLY A 304 14.49 -5.21 4.90
C GLY A 304 15.84 -5.13 5.59
N THR A 305 16.90 -5.30 4.81
CA THR A 305 18.25 -5.33 5.36
C THR A 305 18.67 -3.93 5.79
N ASP A 306 19.73 -3.87 6.60
CA ASP A 306 20.28 -2.59 7.02
C ASP A 306 20.85 -1.81 5.85
N GLU A 307 21.29 -2.51 4.80
CA GLU A 307 21.84 -1.81 3.65
C GLU A 307 20.76 -1.09 2.86
N GLN A 308 19.57 -1.70 2.74
CA GLN A 308 18.46 -1.02 2.08
C GLN A 308 17.95 0.15 2.92
N THR A 309 17.89 -0.03 4.23
CA THR A 309 17.55 1.09 5.10
C THR A 309 18.57 2.23 4.93
N GLN A 310 19.85 1.89 4.80
CA GLN A 310 20.86 2.92 4.60
C GLN A 310 20.71 3.60 3.25
N LYS A 311 20.31 2.84 2.23
CA LYS A 311 19.98 3.46 0.94
C LYS A 311 18.86 4.48 1.10
N VAL A 312 17.85 4.14 1.90
CA VAL A 312 16.76 5.08 2.15
C VAL A 312 17.28 6.32 2.88
N ILE A 313 18.11 6.12 3.90
CA ILE A 313 18.59 7.23 4.71
C ILE A 313 19.45 8.16 3.86
N ASP A 314 20.30 7.59 3.00
CA ASP A 314 21.21 8.41 2.20
C ASP A 314 20.46 9.30 1.21
N ALA A 315 19.26 8.90 0.81
CA ALA A 315 18.46 9.71 -0.10
C ALA A 315 17.85 10.93 0.58
N GLY A 316 18.04 11.08 1.89
CA GLY A 316 17.51 12.23 2.61
C GLY A 316 16.12 12.04 3.17
N ALA A 317 15.68 10.80 3.39
CA ALA A 317 14.30 10.56 3.81
C ALA A 317 14.06 11.12 5.21
N LEU A 318 15.05 11.00 6.10
CA LEU A 318 14.85 11.43 7.49
C LEU A 318 14.51 12.92 7.57
N ALA A 319 15.08 13.74 6.69
CA ALA A 319 14.82 15.17 6.73
C ALA A 319 13.36 15.49 6.50
N VAL A 320 12.58 14.55 5.96
CA VAL A 320 11.15 14.78 5.73
C VAL A 320 10.30 14.35 6.90
N PHE A 321 10.85 13.60 7.85
CA PHE A 321 10.05 13.03 8.93
C PHE A 321 9.63 14.05 9.99
N PRO A 322 10.35 15.16 10.19
CA PRO A 322 9.84 16.17 11.12
C PRO A 322 8.41 16.60 10.80
N SER A 323 8.06 16.69 9.52
CA SER A 323 6.70 17.04 9.14
C SER A 323 5.79 15.82 9.05
N LEU A 324 6.33 14.64 8.72
CA LEU A 324 5.51 13.44 8.66
C LEU A 324 5.04 13.02 10.05
N LEU A 325 5.91 13.17 11.06
CA LEU A 325 5.54 12.84 12.43
C LEU A 325 4.63 13.89 13.06
N THR A 326 4.36 14.99 12.36
CA THR A 326 3.39 15.99 12.80
C THR A 326 2.28 16.20 11.78
N ASN A 327 2.13 15.27 10.84
CA ASN A 327 1.13 15.41 9.80
C ASN A 327 -0.27 15.37 10.41
N PRO A 328 -1.18 16.24 9.96
CA PRO A 328 -2.54 16.23 10.54
C PRO A 328 -3.30 14.95 10.29
N LYS A 329 -2.99 14.22 9.22
CA LYS A 329 -3.66 12.95 8.93
C LYS A 329 -3.08 11.86 9.81
N THR A 330 -3.96 11.10 10.45
CA THR A 330 -3.52 10.10 11.43
C THR A 330 -2.75 8.97 10.76
N ASN A 331 -3.18 8.55 9.57
CA ASN A 331 -2.51 7.44 8.90
C ASN A 331 -1.06 7.79 8.58
N ILE A 332 -0.82 9.03 8.15
CA ILE A 332 0.54 9.47 7.84
C ILE A 332 1.41 9.40 9.08
N GLN A 333 0.92 9.93 10.20
CA GLN A 333 1.68 9.89 11.45
C GLN A 333 1.96 8.44 11.87
N LYS A 334 0.94 7.59 11.80
CA LYS A 334 1.10 6.19 12.22
C LYS A 334 2.17 5.50 11.38
N GLU A 335 2.07 5.62 10.05
CA GLU A 335 3.02 4.91 9.19
C GLU A 335 4.41 5.53 9.27
N ALA A 336 4.51 6.84 9.51
CA ALA A 336 5.81 7.46 9.70
C ALA A 336 6.46 6.97 11.00
N THR A 337 5.66 6.81 12.05
CA THR A 337 6.21 6.29 13.29
C THR A 337 6.61 4.83 13.16
N TRP A 338 5.84 4.05 12.37
CA TRP A 338 6.22 2.67 12.10
C TRP A 338 7.53 2.61 11.32
N THR A 339 7.69 3.47 10.33
CA THR A 339 8.97 3.55 9.60
C THR A 339 10.10 3.93 10.54
N MET A 340 9.86 4.90 11.44
CA MET A 340 10.88 5.31 12.39
C MET A 340 11.26 4.16 13.31
N SER A 341 10.27 3.36 13.72
CA SER A 341 10.57 2.22 14.58
C SER A 341 11.40 1.18 13.84
N ASN A 342 11.08 0.93 12.57
CA ASN A 342 11.90 0.00 11.79
C ASN A 342 13.30 0.56 11.55
N ILE A 343 13.45 1.88 11.56
CA ILE A 343 14.78 2.46 11.38
C ILE A 343 15.59 2.38 12.68
N THR A 344 14.93 2.57 13.82
CA THR A 344 15.61 2.45 15.11
C THR A 344 15.97 1.02 15.46
N ALA A 345 15.46 0.04 14.71
CA ALA A 345 15.85 -1.36 14.89
C ALA A 345 17.06 -1.73 14.04
N GLY A 346 17.74 -0.76 13.46
CA GLY A 346 18.89 -0.98 12.61
C GLY A 346 20.20 -0.85 13.36
N ARG A 347 21.24 -0.45 12.63
CA ARG A 347 22.57 -0.34 13.20
C ARG A 347 22.67 0.88 14.12
N GLN A 348 23.77 0.96 14.86
CA GLN A 348 23.97 2.08 15.78
C GLN A 348 24.24 3.37 15.01
N ASP A 349 24.96 3.29 13.88
CA ASP A 349 25.16 4.48 13.06
C ASP A 349 23.84 5.01 12.51
N GLN A 350 22.89 4.13 12.24
CA GLN A 350 21.58 4.57 11.77
C GLN A 350 20.80 5.25 12.89
N ILE A 351 20.90 4.71 14.11
CA ILE A 351 20.30 5.39 15.27
C ILE A 351 20.93 6.76 15.46
N GLN A 352 22.24 6.87 15.22
CA GLN A 352 22.91 8.15 15.36
C GLN A 352 22.47 9.13 14.29
N GLN A 353 22.22 8.65 13.07
CA GLN A 353 21.69 9.52 12.03
C GLN A 353 20.27 9.96 12.37
N VAL A 354 19.48 9.08 12.99
CA VAL A 354 18.17 9.48 13.48
C VAL A 354 18.31 10.61 14.50
N VAL A 355 19.25 10.45 15.43
CA VAL A 355 19.45 11.45 16.48
C VAL A 355 19.90 12.78 15.86
N ASN A 356 20.79 12.73 14.88
CA ASN A 356 21.34 13.94 14.30
C ASN A 356 20.27 14.76 13.57
N HIS A 357 19.28 14.10 12.99
CA HIS A 357 18.18 14.80 12.34
C HIS A 357 17.17 15.38 13.34
N GLY A 358 17.43 15.25 14.63
CA GLY A 358 16.55 15.82 15.63
C GLY A 358 15.18 15.18 15.66
N LEU A 359 15.10 13.87 15.43
CA LEU A 359 13.83 13.17 15.38
C LEU A 359 13.41 12.59 16.72
N VAL A 360 14.32 12.50 17.69
CA VAL A 360 13.95 11.98 19.01
C VAL A 360 12.94 12.91 19.67
N PRO A 361 13.09 14.23 19.65
CA PRO A 361 12.03 15.09 20.20
C PRO A 361 10.68 14.87 19.53
N PHE A 362 10.67 14.59 18.24
CA PHE A 362 9.40 14.34 17.56
C PHE A 362 8.78 13.02 18.03
N LEU A 363 9.60 12.01 18.31
CA LEU A 363 9.08 10.78 18.87
C LEU A 363 8.53 11.01 20.27
N VAL A 364 9.22 11.83 21.07
CA VAL A 364 8.71 12.18 22.40
C VAL A 364 7.36 12.88 22.27
N GLY A 365 7.24 13.80 21.32
CA GLY A 365 5.96 14.47 21.11
C GLY A 365 4.86 13.50 20.70
N VAL A 366 5.17 12.59 19.79
CA VAL A 366 4.19 11.59 19.38
C VAL A 366 3.74 10.76 20.57
N LEU A 367 4.69 10.34 21.40
CA LEU A 367 4.33 9.58 22.60
C LEU A 367 3.51 10.42 23.57
N SER A 368 3.69 11.75 23.55
CA SER A 368 2.96 12.61 24.47
C SER A 368 1.51 12.78 24.04
N LYS A 369 1.27 12.98 22.74
CA LYS A 369 -0.08 13.24 22.24
C LYS A 369 -0.16 12.73 20.81
N ALA A 370 -0.99 11.70 20.58
CA ALA A 370 -1.21 11.14 19.27
C ALA A 370 -2.21 10.00 19.42
N ASP A 371 -2.72 9.53 18.28
CA ASP A 371 -3.60 8.37 18.28
C ASP A 371 -2.89 7.19 18.95
N PHE A 372 -3.68 6.34 19.60
CA PHE A 372 -3.10 5.25 20.39
C PHE A 372 -2.24 4.34 19.53
N LYS A 373 -2.64 4.11 18.27
CA LYS A 373 -1.83 3.26 17.41
C LYS A 373 -0.49 3.92 17.09
N THR A 374 -0.50 5.22 16.81
CA THR A 374 0.75 5.95 16.60
C THR A 374 1.61 5.90 17.86
N GLN A 375 0.98 6.03 19.03
CA GLN A 375 1.75 5.98 20.28
C GLN A 375 2.35 4.60 20.49
N LYS A 376 1.64 3.55 20.10
CA LYS A 376 2.19 2.19 20.23
C LYS A 376 3.36 1.98 19.28
N GLU A 377 3.25 2.48 18.05
CA GLU A 377 4.38 2.44 17.13
C GLU A 377 5.57 3.22 17.69
N ALA A 378 5.30 4.35 18.36
CA ALA A 378 6.38 5.12 18.94
C ALA A 378 7.03 4.38 20.11
N ALA A 379 6.23 3.67 20.90
CA ALA A 379 6.78 2.84 21.97
C ALA A 379 7.67 1.75 21.40
N TRP A 380 7.23 1.11 20.32
CA TRP A 380 8.09 0.12 19.66
C TRP A 380 9.38 0.76 19.18
N ALA A 381 9.30 1.96 18.60
CA ALA A 381 10.50 2.65 18.14
C ALA A 381 11.46 2.91 19.29
N ILE A 382 10.94 3.36 20.43
CA ILE A 382 11.79 3.63 21.59
C ILE A 382 12.41 2.35 22.11
N THR A 383 11.64 1.26 22.14
CA THR A 383 12.18 -0.01 22.62
C THR A 383 13.31 -0.50 21.71
N ASN A 384 13.14 -0.41 20.40
CA ASN A 384 14.21 -0.80 19.49
C ASN A 384 15.42 0.10 19.66
N TYR A 385 15.19 1.40 19.78
CA TYR A 385 16.27 2.35 20.06
C TYR A 385 17.09 1.92 21.27
N THR A 386 16.40 1.64 22.39
CA THR A 386 17.11 1.30 23.61
C THR A 386 17.76 -0.08 23.52
N SER A 387 17.19 -0.98 22.72
CA SER A 387 17.75 -2.32 22.61
C SER A 387 19.00 -2.35 21.74
N GLY A 388 19.09 -1.49 20.73
CA GLY A 388 20.23 -1.47 19.83
C GLY A 388 21.13 -0.27 19.95
N GLY A 389 20.88 0.63 20.89
CA GLY A 389 21.60 1.89 20.97
C GLY A 389 22.77 1.84 21.93
N THR A 390 23.64 2.84 21.80
CA THR A 390 24.75 3.00 22.73
C THR A 390 24.26 3.68 24.00
N VAL A 391 25.12 3.65 25.02
CA VAL A 391 24.75 4.23 26.30
C VAL A 391 24.48 5.73 26.15
N GLU A 392 25.33 6.43 25.38
CA GLU A 392 25.14 7.85 25.21
C GLU A 392 23.81 8.16 24.54
N GLN A 393 23.39 7.30 23.59
CA GLN A 393 22.12 7.51 22.91
C GLN A 393 20.95 7.24 23.85
N ILE A 394 21.04 6.18 24.66
CA ILE A 394 19.97 5.89 25.61
C ILE A 394 19.89 6.99 26.66
N VAL A 395 20.99 7.69 26.92
CA VAL A 395 20.95 8.81 27.85
C VAL A 395 20.37 10.06 27.18
N TYR A 396 20.73 10.28 25.92
CA TYR A 396 20.09 11.37 25.17
C TYR A 396 18.58 11.18 25.13
N LEU A 397 18.11 9.94 25.09
CA LEU A 397 16.68 9.68 25.16
C LEU A 397 16.05 10.35 26.37
N VAL A 398 16.57 10.06 27.57
CA VAL A 398 16.01 10.66 28.78
C VAL A 398 16.21 12.16 28.77
N HIS A 399 17.36 12.63 28.25
CA HIS A 399 17.59 14.06 28.19
C HIS A 399 16.55 14.77 27.34
N CYS A 400 15.94 14.05 26.39
CA CYS A 400 14.88 14.64 25.58
C CYS A 400 13.52 14.62 26.25
N GLY A 401 13.35 13.83 27.31
CA GLY A 401 12.11 13.83 28.07
C GLY A 401 11.17 12.70 27.70
N ILE A 402 11.69 11.49 27.60
CA ILE A 402 10.88 10.34 27.21
C ILE A 402 10.22 9.67 28.42
N ILE A 403 10.78 9.81 29.61
CA ILE A 403 10.34 9.03 30.77
C ILE A 403 8.88 9.36 31.11
N GLU A 404 8.55 10.64 31.20
CA GLU A 404 7.20 11.01 31.63
C GLU A 404 6.14 10.49 30.68
N PRO A 405 6.20 10.74 29.37
CA PRO A 405 5.16 10.19 28.49
C PRO A 405 5.19 8.67 28.40
N LEU A 406 6.37 8.06 28.36
CA LEU A 406 6.43 6.61 28.30
C LEU A 406 5.83 5.98 29.54
N MET A 407 5.93 6.63 30.69
CA MET A 407 5.29 6.13 31.91
C MET A 407 3.79 6.37 31.88
N ASN A 408 3.36 7.57 31.46
CA ASN A 408 1.93 7.82 31.36
C ASN A 408 1.25 6.83 30.41
N LEU A 409 1.99 6.30 29.44
CA LEU A 409 1.42 5.32 28.53
C LEU A 409 1.20 3.96 29.18
N LEU A 410 1.78 3.71 30.36
CA LEU A 410 1.61 2.40 31.01
C LEU A 410 0.19 2.18 31.52
N SER A 411 -0.60 3.24 31.67
CA SER A 411 -1.97 3.12 32.16
C SER A 411 -2.95 2.93 30.99
N ALA A 412 -2.72 1.85 30.25
CA ALA A 412 -3.55 1.49 29.10
C ALA A 412 -3.94 0.03 29.17
N LYS A 413 -5.11 -0.28 28.61
CA LYS A 413 -5.58 -1.67 28.64
C LYS A 413 -4.73 -2.58 27.77
N ASP A 414 -4.21 -2.07 26.66
CA ASP A 414 -3.39 -2.89 25.78
C ASP A 414 -2.19 -3.45 26.54
N THR A 415 -2.00 -4.77 26.45
CA THR A 415 -0.93 -5.42 27.20
C THR A 415 0.40 -5.36 26.47
N LYS A 416 0.37 -5.52 25.14
CA LYS A 416 1.61 -5.54 24.38
C LYS A 416 2.37 -4.22 24.52
N ILE A 417 1.65 -3.09 24.52
CA ILE A 417 2.31 -1.80 24.69
C ILE A 417 2.97 -1.74 26.06
N ILE A 418 2.33 -2.33 27.07
CA ILE A 418 2.92 -2.35 28.41
C ILE A 418 4.20 -3.19 28.42
N GLN A 419 4.17 -4.35 27.76
CA GLN A 419 5.37 -5.18 27.68
C GLN A 419 6.50 -4.42 27.00
N VAL A 420 6.19 -3.75 25.89
CA VAL A 420 7.21 -2.99 25.16
C VAL A 420 7.78 -1.89 26.04
N ILE A 421 6.90 -1.16 26.75
CA ILE A 421 7.34 -0.07 27.60
C ILE A 421 8.25 -0.59 28.71
N LEU A 422 7.87 -1.71 29.33
CA LEU A 422 8.67 -2.24 30.43
C LEU A 422 10.01 -2.77 29.93
N ASP A 423 10.05 -3.34 28.72
CA ASP A 423 11.34 -3.73 28.14
C ASP A 423 12.22 -2.51 27.92
N ALA A 424 11.64 -1.43 27.39
CA ALA A 424 12.41 -0.21 27.20
C ALA A 424 12.93 0.33 28.53
N ILE A 425 12.11 0.24 29.58
CA ILE A 425 12.52 0.75 30.89
C ILE A 425 13.61 -0.14 31.50
N SER A 426 13.57 -1.44 31.24
CA SER A 426 14.67 -2.30 31.66
C SER A 426 15.95 -1.92 30.93
N ASN A 427 15.87 -1.68 29.63
CA ASN A 427 17.07 -1.32 28.87
C ASN A 427 17.65 0.00 29.34
N ILE A 428 16.79 0.98 29.60
CA ILE A 428 17.28 2.28 30.09
C ILE A 428 17.89 2.14 31.48
N PHE A 429 17.30 1.28 32.34
CA PHE A 429 17.89 1.07 33.65
C PHE A 429 19.25 0.38 33.55
N GLN A 430 19.42 -0.52 32.57
CA GLN A 430 20.72 -1.13 32.36
C GLN A 430 21.74 -0.09 31.88
N ALA A 431 21.32 0.77 30.95
CA ALA A 431 22.20 1.85 30.51
C ALA A 431 22.62 2.73 31.69
N ALA A 432 21.70 2.98 32.62
CA ALA A 432 22.03 3.76 33.81
C ALA A 432 23.02 3.02 34.69
N GLU A 433 22.76 1.73 34.96
CA GLU A 433 23.71 0.90 35.68
C GLU A 433 25.12 1.05 35.10
N LYS A 434 25.22 1.02 33.77
CA LYS A 434 26.52 1.08 33.13
C LYS A 434 27.30 2.35 33.48
N LEU A 435 26.62 3.38 33.99
CA LEU A 435 27.27 4.61 34.43
C LEU A 435 27.09 4.89 35.92
N GLY A 436 26.59 3.92 36.68
CA GLY A 436 26.34 4.14 38.10
C GLY A 436 25.40 5.31 38.34
N GLU A 437 24.27 5.32 37.63
CA GLU A 437 23.32 6.43 37.69
C GLU A 437 21.90 5.94 37.92
N THR A 438 21.73 4.69 38.35
CA THR A 438 20.38 4.14 38.49
C THR A 438 19.56 4.89 39.53
N GLU A 439 20.21 5.43 40.57
CA GLU A 439 19.47 6.09 41.64
C GLU A 439 18.74 7.32 41.12
N LYS A 440 19.41 8.15 40.33
CA LYS A 440 18.79 9.38 39.84
C LYS A 440 17.66 9.06 38.86
N LEU A 441 17.86 8.06 38.00
CA LEU A 441 16.78 7.62 37.11
C LEU A 441 15.59 7.11 37.91
N SER A 442 15.85 6.41 39.02
CA SER A 442 14.77 5.92 39.85
C SER A 442 13.99 7.06 40.49
N ILE A 443 14.72 8.06 41.01
CA ILE A 443 14.05 9.23 41.58
C ILE A 443 13.22 9.94 40.51
N MET A 444 13.74 9.98 39.28
CA MET A 444 13.01 10.61 38.19
C MET A 444 11.73 9.86 37.88
N ILE A 445 11.81 8.53 37.78
CA ILE A 445 10.62 7.74 37.46
C ILE A 445 9.62 7.77 38.60
N GLU A 446 10.09 7.97 39.83
CA GLU A 446 9.18 8.06 40.96
C GLU A 446 8.54 9.44 41.07
N GLU A 447 9.25 10.48 40.63
CA GLU A 447 8.70 11.83 40.70
C GLU A 447 7.55 12.01 39.72
N CYS A 448 7.70 11.49 38.50
CA CYS A 448 6.66 11.67 37.47
C CYS A 448 5.42 10.82 37.71
N GLY A 449 5.38 10.05 38.80
CA GLY A 449 4.23 9.22 39.07
C GLY A 449 4.25 7.88 38.39
N GLY A 450 5.41 7.44 37.91
CA GLY A 450 5.51 6.18 37.21
C GLY A 450 5.60 4.99 38.15
N LEU A 451 6.36 5.13 39.23
CA LEU A 451 6.55 4.03 40.17
C LEU A 451 5.21 3.46 40.63
N ASP A 452 4.20 4.32 40.78
CA ASP A 452 2.87 3.83 41.12
C ASP A 452 2.35 2.90 40.03
N LYS A 453 2.53 3.29 38.77
CA LYS A 453 2.08 2.45 37.66
C LYS A 453 2.86 1.13 37.62
N ILE A 454 4.15 1.18 37.93
CA ILE A 454 4.96 -0.04 37.87
C ILE A 454 4.53 -1.00 38.97
N GLU A 455 4.31 -0.50 40.18
CA GLU A 455 3.90 -1.37 41.28
C GLU A 455 2.45 -1.83 41.12
N ALA A 456 1.62 -1.05 40.42
CA ALA A 456 0.25 -1.49 40.16
C ALA A 456 0.22 -2.62 39.14
N LEU A 457 1.15 -2.62 38.18
CA LEU A 457 1.23 -3.71 37.21
C LEU A 457 1.65 -5.03 37.84
N GLN A 458 2.16 -5.02 39.08
CA GLN A 458 2.51 -6.27 39.74
C GLN A 458 1.32 -7.20 39.87
N ARG A 459 0.11 -6.68 39.79
CA ARG A 459 -1.10 -7.48 39.64
C ARG A 459 -1.65 -7.22 38.24
N HIS A 460 -1.72 -8.27 37.43
CA HIS A 460 -2.15 -8.12 36.04
C HIS A 460 -2.40 -9.50 35.48
N GLU A 461 -3.52 -9.64 34.76
CA GLU A 461 -3.89 -10.95 34.19
C GLU A 461 -2.72 -11.58 33.46
N ASN A 462 -2.08 -10.83 32.58
CA ASN A 462 -0.91 -11.34 31.87
C ASN A 462 0.24 -11.56 32.86
N GLU A 463 1.03 -12.60 32.59
CA GLU A 463 2.07 -13.02 33.52
C GLU A 463 3.38 -12.27 33.32
N SER A 464 3.84 -12.16 32.07
CA SER A 464 5.14 -11.53 31.81
C SER A 464 5.14 -10.08 32.29
N VAL A 465 4.01 -9.38 32.16
CA VAL A 465 3.93 -7.99 32.58
C VAL A 465 4.22 -7.87 34.08
N TYR A 466 3.50 -8.65 34.89
CA TYR A 466 3.69 -8.55 36.33
C TYR A 466 5.06 -9.06 36.74
N LYS A 467 5.58 -10.08 36.04
CA LYS A 467 6.92 -10.57 36.35
C LYS A 467 7.96 -9.49 36.11
N ALA A 468 7.87 -8.80 34.97
CA ALA A 468 8.83 -7.74 34.67
C ALA A 468 8.69 -6.56 35.62
N SER A 469 7.44 -6.19 35.96
CA SER A 469 7.24 -5.09 36.89
C SER A 469 7.80 -5.43 38.27
N LEU A 470 7.58 -6.66 38.73
CA LEU A 470 8.15 -7.09 40.01
C LEU A 470 9.68 -7.09 39.95
N ASN A 471 10.24 -7.56 38.85
CA ASN A 471 11.69 -7.51 38.68
C ASN A 471 12.20 -6.08 38.82
N LEU A 472 11.59 -5.14 38.10
CA LEU A 472 12.04 -3.75 38.16
C LEU A 472 11.88 -3.18 39.56
N ILE A 473 10.75 -3.46 40.22
CA ILE A 473 10.51 -2.92 41.55
C ILE A 473 11.57 -3.43 42.54
N GLU A 474 11.82 -4.73 42.52
CA GLU A 474 12.79 -5.31 43.44
C GLU A 474 14.23 -5.02 43.07
N LYS A 475 14.48 -4.59 41.83
CA LYS A 475 15.85 -4.38 41.37
C LYS A 475 16.29 -2.91 41.40
N TYR A 476 15.35 -1.96 41.34
CA TYR A 476 15.71 -0.55 41.28
C TYR A 476 14.89 0.33 42.21
N PHE A 477 14.15 -0.26 43.17
CA PHE A 477 13.34 0.53 44.11
C PHE A 477 13.38 -0.19 45.46
N SER A 478 14.35 0.19 46.29
CA SER A 478 14.48 -0.39 47.62
C SER A 478 15.13 0.60 48.58
N LYS B 8 13.98 -5.74 16.24
CA LYS B 8 13.78 -6.47 15.00
C LYS B 8 12.79 -5.74 14.10
N LYS B 9 12.97 -5.86 12.78
CA LYS B 9 12.09 -5.20 11.83
C LYS B 9 10.69 -5.80 11.90
N ARG B 10 9.69 -4.95 12.13
CA ARG B 10 8.31 -5.38 12.25
C ARG B 10 7.54 -5.04 10.98
N VAL B 11 6.29 -5.52 10.92
CA VAL B 11 5.42 -5.31 9.77
C VAL B 11 4.21 -4.51 10.20
N LEU B 12 3.64 -3.75 9.27
CA LEU B 12 2.50 -2.90 9.56
C LEU B 12 1.26 -3.76 9.85
N GLU B 13 0.55 -3.42 10.91
CA GLU B 13 -0.65 -4.16 11.32
C GLU B 13 -0.39 -5.67 11.36
N LYS B 49 -6.27 5.30 0.77
CA LYS B 49 -5.87 6.03 -0.43
C LYS B 49 -5.46 5.06 -1.54
N GLN B 50 -5.55 3.76 -1.27
CA GLN B 50 -5.17 2.76 -2.26
C GLN B 50 -6.06 2.88 -3.50
N PRO B 51 -5.56 2.44 -4.65
CA PRO B 51 -6.36 2.55 -5.87
C PRO B 51 -7.47 1.53 -5.89
N ALA B 52 -8.54 1.86 -6.61
CA ALA B 52 -9.66 0.95 -6.74
C ALA B 52 -9.19 -0.37 -7.34
N ARG B 53 -9.54 -1.48 -6.69
CA ARG B 53 -9.25 -2.78 -7.25
C ARG B 53 -10.03 -3.00 -8.54
N LYS B 54 -11.29 -2.56 -8.57
CA LYS B 54 -12.16 -2.66 -9.73
C LYS B 54 -12.84 -1.33 -9.94
N ARG B 55 -13.03 -0.96 -11.22
CA ARG B 55 -13.62 0.32 -11.58
C ARG B 55 -14.72 0.14 -12.60
N LEU B 56 -15.80 0.90 -12.43
CA LEU B 56 -16.93 0.87 -13.34
C LEU B 56 -16.88 2.12 -14.21
N ASN B 57 -16.85 1.92 -15.52
CA ASN B 57 -16.83 3.05 -16.46
C ASN B 57 -18.19 3.73 -16.45
N PHE B 58 -18.24 4.93 -15.86
CA PHE B 58 -19.49 5.68 -15.76
C PHE B 58 -20.47 4.99 -14.82
#